data_8S0U
#
_entry.id   8S0U
#
_cell.length_a   53.320
_cell.length_b   53.690
_cell.length_c   56.350
_cell.angle_alpha   63.300
_cell.angle_beta   70.370
_cell.angle_gamma   70.160
#
_symmetry.space_group_name_H-M   'P 1'
#
loop_
_entity.id
_entity.type
_entity.pdbx_description
1 polymer PrgK
2 water water
#
_entity_poly.entity_id   1
_entity_poly.type   'polypeptide(L)'
_entity_poly.pdbx_seq_one_letter_code
;GPSASSTQKPAIVQEEEDLTASWTYFTKLDAQHTDDNNLFYSNIDEVLFYMNYRYDDFKLLDMDSTGTKNFETILSELWT
ALNGKKPDYQLKTMQSLETDKKSSYFIEEEQAKHYQEIKKELGYQTLDDLLSFPVKTDALIVNKRYGYDKSKEKLTLYQG
IDVLIEDNQPFHSPMNGQIVSVPDTETLVIEKEKVARLTIRGVNTLRLTKGMDVEEGTFLGNTKNSTVTFQYEKYKKETK
DWFFVNPAFYFPRVTYTQTTA
;
_entity_poly.pdbx_strand_id   A,B
#
# COMPACT_ATOMS: atom_id res chain seq x y z
N ALA A 4 -37.66 2.64 12.27
CA ALA A 4 -37.55 1.15 12.09
C ALA A 4 -37.51 0.81 10.59
N SER A 5 -38.61 0.29 10.04
CA SER A 5 -38.70 0.22 8.58
C SER A 5 -38.76 1.63 7.98
N SER A 6 -39.11 2.63 8.80
CA SER A 6 -38.98 4.00 8.34
C SER A 6 -37.56 4.52 8.38
N THR A 7 -36.61 3.81 9.01
CA THR A 7 -35.22 4.25 9.10
C THR A 7 -34.43 3.60 7.99
N GLN A 8 -33.63 4.40 7.30
CA GLN A 8 -32.87 3.96 6.14
C GLN A 8 -31.42 4.35 6.32
N LYS A 9 -30.52 3.39 6.23
CA LYS A 9 -29.14 3.73 6.33
C LYS A 9 -28.65 4.22 4.96
N PRO A 10 -27.69 5.13 4.94
CA PRO A 10 -27.15 5.61 3.66
C PRO A 10 -26.46 4.50 2.89
N ALA A 11 -26.26 4.76 1.59
CA ALA A 11 -25.51 3.80 0.78
C ALA A 11 -24.05 3.71 1.20
N ILE A 12 -23.46 4.80 1.69
CA ILE A 12 -22.07 4.84 2.13
C ILE A 12 -22.07 5.37 3.56
N VAL A 13 -21.49 4.60 4.49
CA VAL A 13 -21.45 4.99 5.89
C VAL A 13 -20.03 5.10 6.44
N GLN A 14 -19.03 4.68 5.70
CA GLN A 14 -17.65 4.77 6.17
C GLN A 14 -17.25 6.23 6.31
N GLU A 15 -16.36 6.51 7.26
CA GLU A 15 -15.69 7.80 7.31
C GLU A 15 -14.87 8.04 6.05
N GLU A 16 -14.69 9.31 5.71
CA GLU A 16 -14.14 9.64 4.38
C GLU A 16 -12.73 9.09 4.23
N GLU A 17 -11.90 9.16 5.27
CA GLU A 17 -10.53 8.68 5.13
C GLU A 17 -10.50 7.18 4.88
N ASP A 18 -11.34 6.44 5.57
CA ASP A 18 -11.40 5.00 5.38
C ASP A 18 -11.98 4.65 4.02
N LEU A 19 -12.96 5.43 3.55
CA LEU A 19 -13.54 5.18 2.24
C LEU A 19 -12.49 5.29 1.13
N THR A 20 -11.72 6.39 1.13
CA THR A 20 -10.64 6.50 0.17
C THR A 20 -9.57 5.44 0.39
N ALA A 21 -9.25 5.11 1.64
CA ALA A 21 -8.25 4.07 1.87
C ALA A 21 -8.68 2.73 1.31
N SER A 22 -9.98 2.40 1.41
CA SER A 22 -10.48 1.15 0.90
C SER A 22 -10.47 1.14 -0.62
N TRP A 23 -10.87 2.28 -1.23
CA TRP A 23 -10.70 2.41 -2.66
C TRP A 23 -9.25 2.13 -3.06
N THR A 24 -8.34 2.81 -2.41
CA THR A 24 -6.94 2.73 -2.80
C THR A 24 -6.42 1.31 -2.65
N TYR A 25 -6.78 0.64 -1.54
CA TYR A 25 -6.35 -0.74 -1.35
C TYR A 25 -6.77 -1.60 -2.54
N PHE A 26 -8.04 -1.44 -3.00
CA PHE A 26 -8.47 -2.23 -4.14
C PHE A 26 -7.70 -1.88 -5.41
N THR A 27 -7.36 -0.58 -5.61
CA THR A 27 -6.56 -0.23 -6.80
C THR A 27 -5.14 -0.83 -6.70
N LYS A 28 -4.65 -1.02 -5.46
CA LYS A 28 -3.35 -1.68 -5.30
C LYS A 28 -3.40 -3.10 -5.82
N LEU A 29 -4.48 -3.83 -5.52
CA LEU A 29 -4.61 -5.21 -6.01
C LEU A 29 -4.76 -5.25 -7.51
N ASP A 30 -5.58 -4.33 -8.07
CA ASP A 30 -5.67 -4.25 -9.53
C ASP A 30 -4.28 -4.02 -10.13
N ALA A 31 -3.53 -3.06 -9.59
CA ALA A 31 -2.27 -2.66 -10.20
C ALA A 31 -1.22 -3.74 -10.06
N GLN A 32 -1.24 -4.46 -8.93
CA GLN A 32 -0.21 -5.47 -8.70
C GLN A 32 -0.38 -6.67 -9.62
N HIS A 33 -1.60 -6.94 -10.06
CA HIS A 33 -1.83 -8.03 -10.99
C HIS A 33 -1.76 -7.59 -12.44
N THR A 34 -1.73 -6.28 -12.71
CA THR A 34 -1.61 -5.77 -14.07
C THR A 34 -0.20 -6.05 -14.58
N ASP A 35 -0.15 -6.66 -15.76
CA ASP A 35 1.11 -7.12 -16.33
C ASP A 35 1.00 -7.01 -17.84
N ASP A 36 1.96 -7.61 -18.53
CA ASP A 36 1.97 -7.54 -19.99
C ASP A 36 0.67 -8.08 -20.59
N ASN A 37 0.13 -9.17 -20.00
CA ASN A 37 -1.01 -9.87 -20.57
C ASN A 37 -2.34 -9.55 -19.91
N ASN A 38 -2.38 -8.67 -18.91
CA ASN A 38 -3.63 -8.41 -18.20
C ASN A 38 -3.67 -7.00 -17.65
N LEU A 39 -4.79 -6.33 -17.82
CA LEU A 39 -4.97 -4.97 -17.35
C LEU A 39 -6.24 -4.94 -16.51
N PHE A 40 -6.09 -4.65 -15.22
CA PHE A 40 -7.20 -4.68 -14.28
C PHE A 40 -7.60 -3.29 -13.85
N TYR A 41 -8.91 -2.97 -14.06
CA TYR A 41 -9.52 -1.73 -13.58
C TYR A 41 -10.90 -2.16 -13.07
N SER A 42 -10.94 -2.73 -11.86
CA SER A 42 -12.19 -3.23 -11.29
C SER A 42 -13.16 -2.08 -11.04
N ASN A 43 -14.46 -2.42 -10.96
CA ASN A 43 -15.51 -1.45 -10.61
C ASN A 43 -15.52 -1.34 -9.10
N ILE A 44 -14.65 -0.46 -8.60
CA ILE A 44 -14.47 -0.35 -7.15
C ILE A 44 -15.68 0.30 -6.50
N ASP A 45 -16.39 1.13 -7.21
CA ASP A 45 -17.61 1.70 -6.63
C ASP A 45 -18.56 0.58 -6.20
N GLU A 46 -18.76 -0.40 -7.09
CA GLU A 46 -19.66 -1.52 -6.76
C GLU A 46 -19.15 -2.29 -5.55
N VAL A 47 -17.84 -2.44 -5.43
CA VAL A 47 -17.26 -3.09 -4.27
C VAL A 47 -17.58 -2.29 -3.02
N LEU A 48 -17.37 -0.96 -3.07
CA LEU A 48 -17.53 -0.18 -1.87
C LEU A 48 -18.98 -0.10 -1.44
N PHE A 49 -19.92 -0.01 -2.38
CA PHE A 49 -21.33 -0.05 -1.97
C PHE A 49 -21.68 -1.36 -1.32
N TYR A 50 -21.13 -2.48 -1.81
CA TYR A 50 -21.43 -3.76 -1.20
C TYR A 50 -20.83 -3.83 0.18
N MET A 51 -19.57 -3.38 0.29
CA MET A 51 -18.91 -3.50 1.57
C MET A 51 -19.61 -2.61 2.60
N ASN A 52 -20.04 -1.40 2.21
CA ASN A 52 -20.73 -0.54 3.17
C ASN A 52 -22.06 -1.14 3.58
N TYR A 53 -22.76 -1.79 2.64
CA TYR A 53 -24.05 -2.42 2.98
C TYR A 53 -23.83 -3.57 3.95
N ARG A 54 -22.79 -4.36 3.76
CA ARG A 54 -22.57 -5.56 4.57
C ARG A 54 -21.90 -5.25 5.90
N TYR A 55 -20.95 -4.32 5.92
CA TYR A 55 -20.04 -4.13 7.06
C TYR A 55 -20.08 -2.72 7.64
N ASP A 56 -21.00 -1.87 7.17
CA ASP A 56 -21.21 -0.53 7.72
C ASP A 56 -19.90 0.25 7.70
N ASP A 57 -19.59 0.99 8.77
CA ASP A 57 -18.51 1.97 8.76
C ASP A 57 -17.18 1.35 9.11
N PHE A 58 -16.78 0.37 8.29
CA PHE A 58 -15.59 -0.42 8.59
C PHE A 58 -14.33 0.38 8.32
N LYS A 59 -13.25 -0.04 8.99
CA LYS A 59 -11.89 0.42 8.74
C LYS A 59 -11.06 -0.79 8.32
N LEU A 60 -10.02 -0.55 7.53
CA LEU A 60 -9.24 -1.66 6.92
C LEU A 60 -8.68 -2.62 7.97
N LEU A 61 -8.45 -2.14 9.19
CA LEU A 61 -7.82 -2.94 10.23
C LEU A 61 -8.82 -3.49 11.25
N ASP A 62 -10.09 -3.16 11.14
CA ASP A 62 -11.08 -3.81 11.98
C ASP A 62 -11.17 -5.29 11.62
N MET A 63 -11.81 -6.07 12.50
CA MET A 63 -11.92 -7.51 12.31
C MET A 63 -13.31 -7.86 11.79
N ASP A 64 -13.38 -8.96 11.05
CA ASP A 64 -14.64 -9.50 10.55
C ASP A 64 -15.42 -10.14 11.70
N SER A 65 -16.52 -10.83 11.36
CA SER A 65 -17.41 -11.41 12.35
C SER A 65 -16.87 -12.70 12.98
N THR A 66 -15.90 -13.37 12.35
CA THR A 66 -15.23 -14.49 12.99
C THR A 66 -14.17 -14.04 14.00
N GLY A 67 -13.76 -12.78 13.93
CA GLY A 67 -12.65 -12.30 14.72
C GLY A 67 -11.27 -12.70 14.22
N THR A 68 -11.17 -13.30 13.03
CA THR A 68 -9.94 -13.93 12.58
C THR A 68 -9.31 -13.22 11.40
N LYS A 69 -10.05 -12.35 10.69
CA LYS A 69 -9.49 -11.63 9.54
C LYS A 69 -9.88 -10.15 9.59
N ASN A 70 -9.00 -9.30 9.07
CA ASN A 70 -9.31 -7.89 8.93
C ASN A 70 -9.90 -7.59 7.54
N PHE A 71 -10.28 -6.33 7.33
CA PHE A 71 -10.98 -5.98 6.07
C PHE A 71 -10.05 -5.87 4.90
N GLU A 72 -8.74 -5.68 5.09
CA GLU A 72 -7.82 -5.86 3.97
C GLU A 72 -7.91 -7.29 3.44
N THR A 73 -7.93 -8.26 4.34
CA THR A 73 -8.08 -9.64 3.91
C THR A 73 -9.43 -9.87 3.22
N ILE A 74 -10.52 -9.35 3.79
CA ILE A 74 -11.82 -9.47 3.14
C ILE A 74 -11.78 -8.87 1.72
N LEU A 75 -11.16 -7.69 1.58
CA LEU A 75 -11.08 -7.06 0.27
C LEU A 75 -10.23 -7.89 -0.68
N SER A 76 -9.12 -8.44 -0.20
CA SER A 76 -8.31 -9.33 -1.05
C SER A 76 -9.08 -10.56 -1.50
N GLU A 77 -9.83 -11.20 -0.60
CA GLU A 77 -10.63 -12.34 -0.97
C GLU A 77 -11.66 -11.96 -2.02
N LEU A 78 -12.29 -10.79 -1.84
CA LEU A 78 -13.25 -10.31 -2.85
C LEU A 78 -12.60 -10.08 -4.20
N TRP A 79 -11.39 -9.49 -4.20
CA TRP A 79 -10.67 -9.31 -5.45
C TRP A 79 -10.49 -10.63 -6.18
N THR A 80 -10.11 -11.69 -5.45
CA THR A 80 -9.99 -13.02 -6.05
C THR A 80 -11.34 -13.56 -6.52
N ALA A 81 -12.42 -13.32 -5.77
CA ALA A 81 -13.72 -13.82 -6.22
C ALA A 81 -14.17 -13.13 -7.52
N LEU A 82 -13.77 -11.87 -7.73
CA LEU A 82 -14.13 -11.14 -8.94
C LEU A 82 -13.21 -11.46 -10.10
N ASN A 83 -11.92 -11.64 -9.82
CA ASN A 83 -10.91 -11.68 -10.88
C ASN A 83 -10.14 -12.99 -10.98
N GLY A 84 -10.28 -13.91 -10.03
CA GLY A 84 -9.60 -15.19 -10.14
C GLY A 84 -8.13 -15.09 -9.84
N LYS A 85 -7.36 -15.96 -10.50
CA LYS A 85 -5.92 -16.05 -10.27
C LYS A 85 -5.22 -16.43 -11.57
N LYS A 86 -3.91 -16.14 -11.58
CA LYS A 86 -3.07 -16.52 -12.70
C LYS A 86 -3.15 -18.03 -12.94
N PRO A 87 -2.96 -18.47 -14.18
CA PRO A 87 -2.73 -17.67 -15.38
C PRO A 87 -4.04 -17.25 -16.04
N ASP A 88 -5.08 -18.07 -15.86
CA ASP A 88 -6.36 -17.89 -16.55
C ASP A 88 -7.28 -17.17 -15.59
N TYR A 89 -7.15 -15.85 -15.55
CA TYR A 89 -7.96 -15.03 -14.69
C TYR A 89 -9.43 -15.15 -15.11
N GLN A 90 -10.30 -14.77 -14.20
CA GLN A 90 -11.73 -14.73 -14.44
C GLN A 90 -12.15 -13.28 -14.48
N LEU A 91 -13.38 -13.05 -14.90
CA LEU A 91 -13.95 -11.72 -14.78
C LEU A 91 -15.42 -11.85 -14.46
N LYS A 92 -15.77 -11.50 -13.23
CA LYS A 92 -17.14 -11.45 -12.79
C LYS A 92 -17.43 -10.06 -12.29
N THR A 93 -18.71 -9.78 -12.17
CA THR A 93 -19.17 -8.55 -11.61
C THR A 93 -19.62 -8.79 -10.17
N MET A 94 -19.68 -7.70 -9.43
CA MET A 94 -20.24 -7.72 -8.09
C MET A 94 -21.69 -8.18 -8.12
N GLN A 95 -22.48 -7.71 -9.10
CA GLN A 95 -23.86 -8.15 -9.21
C GLN A 95 -23.95 -9.67 -9.34
N SER A 96 -23.01 -10.26 -10.09
N SER A 96 -23.01 -10.28 -10.07
CA SER A 96 -23.02 -11.70 -10.26
CA SER A 96 -23.10 -11.72 -10.24
C SER A 96 -22.79 -12.41 -8.93
C SER A 96 -22.76 -12.44 -8.93
N LEU A 97 -21.77 -11.95 -8.17
CA LEU A 97 -21.51 -12.56 -6.87
C LEU A 97 -22.71 -12.37 -5.92
N GLU A 98 -23.35 -11.22 -6.00
CA GLU A 98 -24.46 -10.93 -5.09
C GLU A 98 -25.68 -11.76 -5.42
N THR A 99 -25.79 -12.36 -6.61
CA THR A 99 -26.92 -13.15 -7.01
C THR A 99 -26.62 -14.65 -7.05
N ASP A 100 -25.41 -15.04 -6.66
CA ASP A 100 -24.98 -16.46 -6.60
C ASP A 100 -25.37 -17.01 -5.23
N LYS A 101 -26.37 -17.88 -5.21
CA LYS A 101 -26.98 -18.32 -3.95
C LYS A 101 -26.01 -19.06 -3.04
N LYS A 102 -24.93 -19.60 -3.57
CA LYS A 102 -23.94 -20.28 -2.74
C LYS A 102 -22.86 -19.34 -2.25
N SER A 103 -22.78 -18.12 -2.79
CA SER A 103 -21.65 -17.23 -2.56
C SER A 103 -21.73 -16.62 -1.15
N SER A 104 -20.56 -16.26 -0.62
CA SER A 104 -20.53 -15.47 0.61
C SER A 104 -21.21 -14.12 0.43
N TYR A 105 -21.18 -13.60 -0.80
CA TYR A 105 -21.58 -12.24 -1.12
C TYR A 105 -23.06 -12.15 -1.47
N PHE A 106 -23.81 -13.23 -1.33
CA PHE A 106 -25.17 -13.29 -1.78
C PHE A 106 -26.04 -12.29 -1.04
N ILE A 107 -26.95 -11.67 -1.78
CA ILE A 107 -28.01 -10.82 -1.22
C ILE A 107 -29.36 -11.35 -1.71
N GLU A 108 -30.27 -11.64 -0.77
CA GLU A 108 -31.59 -12.18 -1.09
C GLU A 108 -32.33 -11.25 -2.04
N GLU A 109 -33.16 -11.86 -2.91
CA GLU A 109 -33.78 -11.14 -4.01
C GLU A 109 -34.46 -9.83 -3.57
N GLU A 110 -35.35 -9.91 -2.58
CA GLU A 110 -36.11 -8.73 -2.18
C GLU A 110 -35.20 -7.67 -1.54
N GLN A 111 -34.25 -8.10 -0.69
CA GLN A 111 -33.33 -7.14 -0.10
C GLN A 111 -32.44 -6.51 -1.16
N ALA A 112 -32.12 -7.26 -2.21
CA ALA A 112 -31.23 -6.74 -3.24
C ALA A 112 -31.91 -5.64 -4.05
N LYS A 113 -33.23 -5.73 -4.24
CA LYS A 113 -33.94 -4.66 -4.94
C LYS A 113 -33.81 -3.37 -4.15
N HIS A 114 -33.97 -3.45 -2.85
CA HIS A 114 -33.88 -2.27 -1.98
C HIS A 114 -32.45 -1.74 -1.96
N TYR A 115 -31.47 -2.64 -1.91
CA TYR A 115 -30.07 -2.23 -1.89
C TYR A 115 -29.70 -1.49 -3.17
N GLN A 116 -30.17 -1.98 -4.31
CA GLN A 116 -29.87 -1.29 -5.56
C GLN A 116 -30.57 0.08 -5.62
N GLU A 117 -31.80 0.16 -5.11
CA GLU A 117 -32.52 1.44 -5.15
C GLU A 117 -31.78 2.49 -4.32
N ILE A 118 -31.34 2.12 -3.12
CA ILE A 118 -30.64 3.06 -2.25
C ILE A 118 -29.28 3.42 -2.84
N LYS A 119 -28.57 2.45 -3.41
CA LYS A 119 -27.31 2.75 -4.06
C LYS A 119 -27.52 3.80 -5.14
N LYS A 120 -28.56 3.65 -5.95
CA LYS A 120 -28.83 4.62 -7.01
C LYS A 120 -29.37 5.94 -6.44
N GLU A 121 -30.24 5.90 -5.44
CA GLU A 121 -30.85 7.14 -4.96
C GLU A 121 -29.86 8.00 -4.17
N LEU A 122 -29.00 7.37 -3.35
CA LEU A 122 -28.11 8.14 -2.48
C LEU A 122 -26.68 8.19 -2.96
N GLY A 123 -26.15 7.09 -3.53
CA GLY A 123 -24.77 7.10 -3.99
C GLY A 123 -23.80 7.60 -2.93
N TYR A 124 -22.85 8.45 -3.37
CA TYR A 124 -21.92 9.10 -2.47
C TYR A 124 -22.40 10.48 -2.03
N GLN A 125 -23.63 10.85 -2.33
CA GLN A 125 -24.09 12.22 -2.11
C GLN A 125 -24.31 12.55 -0.63
N THR A 126 -24.11 11.62 0.30
CA THR A 126 -24.14 11.91 1.72
C THR A 126 -22.77 12.27 2.30
N LEU A 127 -21.71 12.25 1.48
CA LEU A 127 -20.40 12.69 1.96
C LEU A 127 -20.43 14.20 2.19
N ASP A 128 -19.52 14.69 3.03
CA ASP A 128 -19.39 16.11 3.30
C ASP A 128 -18.59 16.83 2.21
N ASP A 129 -18.85 18.13 2.05
CA ASP A 129 -18.05 19.00 1.21
C ASP A 129 -18.03 18.47 -0.23
N LEU A 130 -19.20 18.25 -0.76
CA LEU A 130 -19.36 17.86 -2.16
C LEU A 130 -18.94 19.00 -3.11
N LEU A 131 -18.59 18.63 -4.33
CA LEU A 131 -18.10 19.53 -5.37
C LEU A 131 -19.11 19.61 -6.51
N SER A 132 -19.31 20.82 -7.02
CA SER A 132 -20.20 21.04 -8.14
C SER A 132 -19.42 20.85 -9.44
N PHE A 133 -20.14 20.47 -10.50
CA PHE A 133 -19.47 20.35 -11.77
C PHE A 133 -18.91 21.72 -12.16
N PRO A 134 -17.75 21.77 -12.82
CA PRO A 134 -17.18 23.03 -13.28
C PRO A 134 -17.65 23.43 -14.66
N VAL A 135 -18.30 22.52 -15.39
CA VAL A 135 -18.83 22.78 -16.73
C VAL A 135 -20.24 22.20 -16.82
N LYS A 136 -20.93 22.54 -17.89
CA LYS A 136 -22.31 22.04 -18.06
C LYS A 136 -22.22 20.60 -18.54
N THR A 137 -22.65 19.67 -17.71
CA THR A 137 -22.50 18.27 -18.04
C THR A 137 -23.30 17.47 -17.04
N ASP A 138 -23.60 16.22 -17.40
CA ASP A 138 -24.25 15.30 -16.49
C ASP A 138 -23.25 14.35 -15.84
N ALA A 139 -22.01 14.29 -16.32
CA ALA A 139 -20.99 13.41 -15.74
C ALA A 139 -19.60 13.87 -16.19
N LEU A 140 -18.64 13.84 -15.28
CA LEU A 140 -17.25 14.06 -15.68
C LEU A 140 -16.68 12.77 -16.20
N ILE A 141 -16.04 12.84 -17.36
CA ILE A 141 -15.38 11.71 -17.97
C ILE A 141 -13.98 11.62 -17.36
N VAL A 142 -13.72 10.55 -16.62
CA VAL A 142 -12.48 10.39 -15.86
C VAL A 142 -11.59 9.46 -16.68
N ASN A 143 -10.49 9.98 -17.27
CA ASN A 143 -9.62 9.12 -18.03
C ASN A 143 -8.42 8.64 -17.23
N LYS A 144 -8.22 9.12 -15.99
CA LYS A 144 -7.23 8.54 -15.12
C LYS A 144 -7.81 8.58 -13.72
N ARG A 145 -8.16 7.42 -13.17
CA ARG A 145 -8.80 7.38 -11.87
C ARG A 145 -7.76 7.50 -10.76
N TYR A 146 -8.28 7.72 -9.55
CA TYR A 146 -7.44 7.82 -8.36
C TYR A 146 -6.85 6.48 -7.97
N GLY A 147 -5.62 6.50 -7.46
CA GLY A 147 -5.03 5.36 -6.82
C GLY A 147 -3.85 4.76 -7.57
N TYR A 148 -3.63 3.48 -7.32
CA TYR A 148 -2.49 2.81 -7.93
C TYR A 148 -2.74 2.41 -9.37
N ASP A 149 -1.68 2.34 -10.15
CA ASP A 149 -1.72 1.70 -11.46
C ASP A 149 -0.30 1.33 -11.82
N LYS A 150 -0.15 0.67 -12.94
CA LYS A 150 1.17 0.44 -13.54
C LYS A 150 1.41 1.51 -14.59
N SER A 151 2.55 2.20 -14.51
CA SER A 151 2.94 3.15 -15.55
C SER A 151 4.43 2.97 -15.81
N LYS A 152 4.78 2.74 -17.09
CA LYS A 152 6.15 2.40 -17.48
C LYS A 152 6.61 1.12 -16.78
N GLU A 153 5.71 0.15 -16.68
CA GLU A 153 5.97 -1.13 -16.03
C GLU A 153 6.18 -0.98 -14.52
N LYS A 154 5.79 0.16 -13.92
CA LYS A 154 6.12 0.42 -12.52
C LYS A 154 4.87 0.82 -11.77
N LEU A 155 4.76 0.35 -10.54
CA LEU A 155 3.68 0.74 -9.65
C LEU A 155 3.79 2.20 -9.24
N THR A 156 2.67 2.94 -9.34
CA THR A 156 2.64 4.36 -9.14
C THR A 156 1.31 4.72 -8.49
N LEU A 157 1.29 5.67 -7.59
CA LEU A 157 0.07 6.12 -6.93
C LEU A 157 -0.32 7.48 -7.46
N TYR A 158 -1.53 7.61 -7.94
CA TYR A 158 -2.02 8.85 -8.51
C TYR A 158 -3.00 9.45 -7.53
N GLN A 159 -2.61 10.59 -6.96
CA GLN A 159 -3.39 11.20 -5.89
C GLN A 159 -4.36 12.26 -6.36
N GLY A 160 -5.10 11.93 -7.43
CA GLY A 160 -6.12 12.79 -7.99
C GLY A 160 -6.80 12.06 -9.11
N ILE A 161 -7.53 12.82 -9.93
CA ILE A 161 -8.19 12.28 -11.10
C ILE A 161 -7.91 13.22 -12.26
N ASP A 162 -7.80 12.63 -13.46
CA ASP A 162 -7.77 13.38 -14.71
C ASP A 162 -9.13 13.29 -15.38
N VAL A 163 -9.67 14.44 -15.83
CA VAL A 163 -10.98 14.54 -16.45
C VAL A 163 -10.83 15.17 -17.83
N LEU A 164 -11.69 14.75 -18.75
CA LEU A 164 -11.70 15.26 -20.09
C LEU A 164 -12.65 16.44 -20.16
N ILE A 165 -12.15 17.58 -20.64
CA ILE A 165 -12.99 18.77 -20.82
C ILE A 165 -12.76 19.20 -22.26
N GLU A 166 -13.79 19.07 -23.09
CA GLU A 166 -13.68 19.45 -24.49
C GLU A 166 -13.72 20.97 -24.67
N ASP A 167 -13.04 21.44 -25.72
CA ASP A 167 -13.30 22.73 -26.36
C ASP A 167 -13.10 23.94 -25.46
N ASN A 168 -12.14 23.88 -24.55
CA ASN A 168 -11.79 25.03 -23.70
C ASN A 168 -13.02 25.64 -23.03
N GLN A 169 -13.94 24.78 -22.57
CA GLN A 169 -15.20 25.26 -22.02
C GLN A 169 -14.93 26.22 -20.86
N PRO A 170 -15.78 27.23 -20.69
CA PRO A 170 -15.64 28.09 -19.50
C PRO A 170 -15.74 27.22 -18.25
N PHE A 171 -14.79 27.42 -17.35
CA PHE A 171 -14.58 26.56 -16.19
C PHE A 171 -14.89 27.36 -14.93
N HIS A 172 -15.86 26.86 -14.16
CA HIS A 172 -16.33 27.52 -12.94
C HIS A 172 -15.86 26.74 -11.72
N SER A 173 -15.69 27.44 -10.61
CA SER A 173 -15.19 26.80 -9.42
C SER A 173 -16.15 25.72 -8.95
N PRO A 174 -15.66 24.52 -8.66
CA PRO A 174 -16.46 23.50 -7.95
C PRO A 174 -16.72 23.80 -6.49
N MET A 175 -16.05 24.77 -5.88
CA MET A 175 -16.15 24.93 -4.43
C MET A 175 -16.04 26.38 -3.99
N ASN A 176 -16.65 26.67 -2.84
N ASN A 176 -16.62 26.68 -2.83
CA ASN A 176 -16.45 27.92 -2.13
CA ASN A 176 -16.45 27.96 -2.17
C ASN A 176 -15.13 27.85 -1.38
C ASN A 176 -15.17 27.90 -1.34
N GLY A 177 -14.34 28.92 -1.46
CA GLY A 177 -13.13 28.98 -0.67
C GLY A 177 -12.26 30.11 -1.13
N GLN A 178 -11.08 30.16 -0.53
CA GLN A 178 -10.10 31.19 -0.84
C GLN A 178 -9.00 30.59 -1.70
N ILE A 179 -8.57 31.34 -2.72
CA ILE A 179 -7.38 30.93 -3.48
C ILE A 179 -6.16 31.14 -2.62
N VAL A 180 -5.47 30.04 -2.30
CA VAL A 180 -4.31 30.10 -1.42
C VAL A 180 -2.99 29.94 -2.15
N SER A 181 -3.00 29.51 -3.40
CA SER A 181 -1.76 29.33 -4.14
C SER A 181 -2.08 29.46 -5.62
N VAL A 182 -1.28 30.25 -6.33
CA VAL A 182 -1.32 30.31 -7.79
C VAL A 182 0.11 30.08 -8.26
N PRO A 183 0.57 28.84 -8.28
CA PRO A 183 2.00 28.59 -8.52
C PRO A 183 2.45 28.94 -9.93
N ASP A 184 1.57 28.74 -10.90
CA ASP A 184 1.89 28.98 -12.30
C ASP A 184 0.59 29.31 -13.01
N THR A 185 0.69 29.48 -14.33
CA THR A 185 -0.40 30.02 -15.13
C THR A 185 -1.55 29.05 -15.30
N GLU A 186 -1.38 27.80 -14.84
CA GLU A 186 -2.35 26.75 -15.08
C GLU A 186 -2.62 25.91 -13.82
N THR A 187 -2.36 26.45 -12.62
CA THR A 187 -2.58 25.69 -11.40
C THR A 187 -3.13 26.63 -10.33
N LEU A 188 -4.17 26.20 -9.66
CA LEU A 188 -4.67 26.97 -8.53
C LEU A 188 -5.05 26.01 -7.42
N VAL A 189 -4.98 26.52 -6.19
CA VAL A 189 -5.37 25.78 -5.00
C VAL A 189 -6.42 26.62 -4.30
N ILE A 190 -7.59 26.03 -4.06
CA ILE A 190 -8.69 26.67 -3.37
C ILE A 190 -8.88 25.94 -2.04
N GLU A 191 -8.96 26.73 -0.96
CA GLU A 191 -9.02 26.14 0.38
C GLU A 191 -10.18 26.72 1.16
N LYS A 192 -10.95 25.84 1.79
CA LYS A 192 -11.93 26.20 2.82
C LYS A 192 -11.21 25.92 4.13
N GLU A 193 -10.95 26.99 4.91
CA GLU A 193 -10.04 26.93 6.04
C GLU A 193 -10.31 25.74 6.95
N LYS A 194 -9.30 24.88 7.11
CA LYS A 194 -9.35 23.73 7.99
C LYS A 194 -10.48 22.78 7.67
N VAL A 195 -10.94 22.78 6.40
CA VAL A 195 -12.04 21.92 5.98
C VAL A 195 -11.61 21.09 4.76
N ALA A 196 -11.36 21.77 3.64
CA ALA A 196 -11.07 21.06 2.39
C ALA A 196 -10.21 21.92 1.47
N ARG A 197 -9.42 21.27 0.61
CA ARG A 197 -8.48 21.94 -0.28
C ARG A 197 -8.55 21.27 -1.64
N LEU A 198 -8.86 22.03 -2.66
CA LEU A 198 -8.97 21.54 -4.04
C LEU A 198 -7.88 22.16 -4.91
N THR A 199 -7.08 21.28 -5.54
CA THR A 199 -6.06 21.69 -6.50
C THR A 199 -6.59 21.42 -7.89
N ILE A 200 -6.51 22.41 -8.77
CA ILE A 200 -6.99 22.30 -10.15
C ILE A 200 -5.81 22.59 -11.08
N ARG A 201 -5.51 21.64 -11.97
CA ARG A 201 -4.43 21.81 -12.94
C ARG A 201 -5.01 21.76 -14.33
N GLY A 202 -4.76 22.78 -15.12
CA GLY A 202 -5.17 22.80 -16.51
C GLY A 202 -6.10 23.90 -16.94
N VAL A 203 -6.34 24.87 -16.04
CA VAL A 203 -7.23 26.02 -16.30
C VAL A 203 -6.39 27.29 -16.26
N ASN A 204 -6.62 28.21 -17.20
CA ASN A 204 -5.89 29.47 -17.18
C ASN A 204 -6.21 30.27 -15.92
N THR A 205 -5.15 30.73 -15.22
CA THR A 205 -5.26 31.40 -13.93
C THR A 205 -4.86 32.89 -13.99
N LEU A 206 -5.03 33.53 -15.14
CA LEU A 206 -4.48 34.89 -15.27
C LEU A 206 -5.30 35.90 -14.47
N ARG A 207 -6.59 35.64 -14.29
CA ARG A 207 -7.48 36.52 -13.54
C ARG A 207 -7.66 36.08 -12.09
N LEU A 208 -6.64 35.48 -11.48
CA LEU A 208 -6.77 34.99 -10.12
C LEU A 208 -5.48 35.20 -9.37
N THR A 209 -5.59 35.65 -8.12
CA THR A 209 -4.42 35.88 -7.29
C THR A 209 -4.69 35.34 -5.90
N LYS A 210 -3.60 35.05 -5.18
CA LYS A 210 -3.72 34.50 -3.84
C LYS A 210 -4.45 35.49 -2.93
N GLY A 211 -5.41 34.96 -2.15
CA GLY A 211 -6.20 35.75 -1.25
C GLY A 211 -7.57 36.08 -1.77
N MET A 212 -7.81 35.90 -3.06
CA MET A 212 -9.14 36.13 -3.63
C MET A 212 -10.10 35.03 -3.20
N ASP A 213 -11.28 35.44 -2.81
CA ASP A 213 -12.33 34.50 -2.43
C ASP A 213 -13.11 34.10 -3.67
N VAL A 214 -13.48 32.82 -3.76
CA VAL A 214 -14.31 32.35 -4.86
C VAL A 214 -15.48 31.63 -4.24
N GLU A 215 -16.56 31.56 -5.01
CA GLU A 215 -17.73 30.80 -4.60
C GLU A 215 -17.98 29.67 -5.61
N GLU A 216 -18.85 28.73 -5.23
CA GLU A 216 -19.21 27.71 -6.17
C GLU A 216 -19.84 28.42 -7.36
N GLY A 217 -19.37 28.09 -8.57
CA GLY A 217 -19.86 28.72 -9.75
C GLY A 217 -19.11 29.94 -10.23
N THR A 218 -18.19 30.49 -9.42
CA THR A 218 -17.38 31.62 -9.89
C THR A 218 -16.56 31.19 -11.11
N PHE A 219 -16.69 31.94 -12.21
CA PHE A 219 -15.87 31.67 -13.40
C PHE A 219 -14.40 31.87 -13.07
N LEU A 220 -13.58 30.86 -13.37
CA LEU A 220 -12.15 30.95 -13.11
C LEU A 220 -11.37 31.25 -14.38
N GLY A 221 -11.71 30.59 -15.47
CA GLY A 221 -11.02 30.80 -16.73
C GLY A 221 -11.44 29.72 -17.70
N ASN A 222 -10.96 29.86 -18.93
CA ASN A 222 -11.22 28.81 -19.91
C ASN A 222 -10.23 27.66 -19.70
N THR A 223 -10.67 26.45 -19.99
CA THR A 223 -9.80 25.30 -19.87
C THR A 223 -8.68 25.39 -20.90
N LYS A 224 -7.44 25.07 -20.49
CA LYS A 224 -6.27 25.30 -21.33
C LYS A 224 -6.08 24.24 -22.41
N ASN A 225 -6.14 22.97 -22.03
CA ASN A 225 -6.12 21.90 -23.02
C ASN A 225 -7.24 20.93 -22.63
N SER A 226 -7.12 19.69 -23.08
CA SER A 226 -8.26 18.78 -23.00
C SER A 226 -8.39 18.07 -21.68
N THR A 227 -7.35 18.06 -20.86
CA THR A 227 -7.34 17.36 -19.59
C THR A 227 -7.24 18.40 -18.48
N VAL A 228 -8.03 18.20 -17.45
CA VAL A 228 -7.88 18.90 -16.18
C VAL A 228 -7.63 17.86 -15.10
N THR A 229 -6.73 18.16 -14.17
CA THR A 229 -6.47 17.29 -13.03
C THR A 229 -7.01 17.94 -11.76
N PHE A 230 -7.73 17.15 -10.96
CA PHE A 230 -8.21 17.56 -9.64
C PHE A 230 -7.50 16.72 -8.58
N GLN A 231 -7.10 17.38 -7.51
CA GLN A 231 -6.73 16.74 -6.27
C GLN A 231 -7.56 17.39 -5.19
N TYR A 232 -7.96 16.59 -4.22
CA TYR A 232 -8.85 17.04 -3.15
C TYR A 232 -8.36 16.46 -1.84
N GLU A 233 -8.30 17.32 -0.83
CA GLU A 233 -7.81 16.95 0.48
C GLU A 233 -8.78 17.44 1.55
N LYS A 234 -8.87 16.65 2.61
CA LYS A 234 -9.66 16.98 3.80
C LYS A 234 -8.73 17.18 4.98
N TYR A 235 -9.22 17.90 5.98
CA TYR A 235 -8.41 18.28 7.10
C TYR A 235 -8.67 17.34 8.27
N LYS A 236 -7.59 16.98 8.98
CA LYS A 236 -7.65 16.07 10.12
C LYS A 236 -7.26 16.88 11.37
N LYS A 237 -8.27 17.35 12.11
CA LYS A 237 -8.00 18.19 13.28
C LYS A 237 -7.08 17.48 14.26
N GLU A 238 -7.31 16.18 14.48
CA GLU A 238 -6.58 15.45 15.51
C GLU A 238 -5.07 15.64 15.37
N THR A 239 -4.56 15.66 14.13
CA THR A 239 -3.13 15.80 13.87
C THR A 239 -2.79 17.06 13.08
N LYS A 240 -3.76 17.96 12.87
CA LYS A 240 -3.53 19.23 12.20
C LYS A 240 -2.83 19.07 10.86
N ASP A 241 -3.21 18.04 10.10
CA ASP A 241 -2.69 17.83 8.75
C ASP A 241 -3.85 17.52 7.79
N TRP A 242 -3.48 17.24 6.54
CA TRP A 242 -4.44 16.98 5.47
C TRP A 242 -4.20 15.59 4.91
N PHE A 243 -5.27 14.96 4.43
CA PHE A 243 -5.15 13.71 3.72
C PHE A 243 -5.88 13.83 2.37
N PHE A 244 -5.35 13.13 1.37
CA PHE A 244 -6.00 13.07 0.05
C PHE A 244 -7.26 12.20 0.11
N VAL A 245 -8.28 12.59 -0.66
CA VAL A 245 -9.46 11.78 -0.90
C VAL A 245 -9.62 11.62 -2.40
N ASN A 246 -10.37 10.59 -2.79
CA ASN A 246 -10.67 10.41 -4.21
C ASN A 246 -11.66 11.49 -4.65
N PRO A 247 -11.27 12.45 -5.51
CA PRO A 247 -12.19 13.52 -5.89
C PRO A 247 -13.44 13.02 -6.54
N ALA A 248 -13.36 11.87 -7.24
CA ALA A 248 -14.54 11.41 -7.98
C ALA A 248 -15.76 11.22 -7.10
N PHE A 249 -15.58 10.85 -5.83
CA PHE A 249 -16.72 10.58 -4.98
C PHE A 249 -17.54 11.85 -4.72
N TYR A 250 -16.94 13.02 -4.88
CA TYR A 250 -17.50 14.27 -4.41
C TYR A 250 -18.22 15.07 -5.50
N PHE A 251 -18.08 14.69 -6.78
CA PHE A 251 -18.86 15.29 -7.85
C PHE A 251 -20.16 14.51 -8.04
N PRO A 252 -21.17 15.09 -8.71
CA PRO A 252 -22.44 14.38 -8.80
C PRO A 252 -22.36 13.03 -9.50
N ARG A 253 -21.55 12.93 -10.54
CA ARG A 253 -21.46 11.68 -11.30
C ARG A 253 -20.18 11.70 -12.12
N VAL A 254 -19.50 10.56 -12.19
CA VAL A 254 -18.38 10.39 -13.12
C VAL A 254 -18.58 9.16 -13.99
N THR A 255 -17.86 9.14 -15.12
CA THR A 255 -17.81 8.00 -16.02
C THR A 255 -16.34 7.61 -16.16
N TYR A 256 -16.00 6.38 -15.82
CA TYR A 256 -14.62 5.92 -15.89
C TYR A 256 -14.34 5.33 -17.28
N THR A 257 -13.28 5.79 -17.92
CA THR A 257 -12.88 5.27 -19.22
C THR A 257 -11.93 4.09 -19.11
N GLN A 258 -11.37 3.84 -17.95
CA GLN A 258 -10.51 2.67 -17.72
C GLN A 258 -11.34 1.54 -17.11
N THR A 259 -11.35 0.39 -17.77
CA THR A 259 -12.12 -0.78 -17.30
C THR A 259 -11.35 -2.04 -17.63
N THR A 260 -11.72 -3.13 -16.96
CA THR A 260 -11.14 -4.43 -17.30
C THR A 260 -11.84 -5.01 -18.57
N ALA B 4 3.74 14.01 -12.92
CA ALA B 4 2.73 14.84 -12.21
C ALA B 4 3.18 15.16 -10.81
N SER B 5 2.80 16.35 -10.34
CA SER B 5 2.73 16.59 -8.90
C SER B 5 1.69 15.68 -8.24
N SER B 6 0.70 15.19 -9.00
N SER B 6 0.73 15.19 -9.01
CA SER B 6 -0.26 14.23 -8.46
CA SER B 6 -0.26 14.24 -8.48
C SER B 6 0.26 12.79 -8.48
C SER B 6 0.25 12.81 -8.48
N THR B 7 1.39 12.54 -9.10
CA THR B 7 1.98 11.21 -9.15
C THR B 7 2.97 11.03 -8.00
N GLN B 8 2.86 9.90 -7.30
CA GLN B 8 3.71 9.59 -6.16
C GLN B 8 4.28 8.19 -6.34
N LYS B 9 5.60 8.08 -6.36
CA LYS B 9 6.20 6.75 -6.43
C LYS B 9 6.11 6.08 -5.06
N PRO B 10 6.10 4.75 -5.01
CA PRO B 10 6.05 4.07 -3.72
C PRO B 10 7.34 4.28 -2.92
N ALA B 11 7.27 3.94 -1.64
CA ALA B 11 8.45 3.99 -0.81
C ALA B 11 9.46 2.95 -1.22
N ILE B 12 9.02 1.78 -1.64
CA ILE B 12 9.88 0.74 -2.14
C ILE B 12 9.57 0.53 -3.61
N VAL B 13 10.58 0.63 -4.45
CA VAL B 13 10.47 0.53 -5.91
C VAL B 13 11.18 -0.74 -6.42
N GLN B 14 12.12 -1.31 -5.67
CA GLN B 14 12.88 -2.45 -6.13
C GLN B 14 11.99 -3.68 -6.31
N GLU B 15 12.41 -4.57 -7.24
CA GLU B 15 11.81 -5.91 -7.32
C GLU B 15 12.12 -6.67 -6.03
N GLU B 16 11.25 -7.62 -5.68
CA GLU B 16 11.35 -8.27 -4.37
C GLU B 16 12.66 -9.01 -4.19
N GLU B 17 13.13 -9.70 -5.22
CA GLU B 17 14.37 -10.46 -5.09
C GLU B 17 15.54 -9.53 -4.85
N ASP B 18 15.57 -8.40 -5.56
CA ASP B 18 16.62 -7.40 -5.36
C ASP B 18 16.53 -6.75 -4.00
N LEU B 19 15.32 -6.51 -3.51
CA LEU B 19 15.16 -5.90 -2.19
C LEU B 19 15.74 -6.80 -1.10
N THR B 20 15.39 -8.11 -1.12
CA THR B 20 15.97 -9.03 -0.13
C THR B 20 17.47 -9.17 -0.32
N ALA B 21 17.96 -9.16 -1.58
CA ALA B 21 19.38 -9.30 -1.80
C ALA B 21 20.13 -8.09 -1.24
N SER B 22 19.50 -6.90 -1.33
CA SER B 22 20.13 -5.69 -0.80
C SER B 22 20.17 -5.72 0.72
N TRP B 23 19.06 -6.10 1.33
CA TRP B 23 19.05 -6.35 2.77
C TRP B 23 20.20 -7.29 3.16
N THR B 24 20.25 -8.44 2.49
CA THR B 24 21.20 -9.47 2.85
C THR B 24 22.64 -8.98 2.70
N TYR B 25 22.91 -8.23 1.63
CA TYR B 25 24.25 -7.68 1.46
C TYR B 25 24.65 -6.80 2.65
N PHE B 26 23.73 -5.96 3.10
CA PHE B 26 24.06 -5.13 4.24
C PHE B 26 24.26 -5.96 5.51
N THR B 27 23.47 -7.04 5.70
CA THR B 27 23.73 -7.88 6.87
C THR B 27 25.10 -8.55 6.75
N LYS B 28 25.56 -8.89 5.54
CA LYS B 28 26.91 -9.43 5.37
C LYS B 28 27.96 -8.45 5.88
N LEU B 29 27.83 -7.17 5.54
CA LEU B 29 28.77 -6.18 6.05
C LEU B 29 28.72 -6.05 7.56
N ASP B 30 27.52 -6.01 8.14
CA ASP B 30 27.42 -5.99 9.60
C ASP B 30 28.10 -7.20 10.20
N ALA B 31 27.85 -8.39 9.65
CA ALA B 31 28.41 -9.59 10.25
C ALA B 31 29.93 -9.66 10.10
N GLN B 32 30.46 -9.22 8.93
CA GLN B 32 31.90 -9.31 8.68
C GLN B 32 32.68 -8.41 9.62
N HIS B 33 32.12 -7.26 10.00
CA HIS B 33 32.79 -6.38 10.93
C HIS B 33 32.53 -6.68 12.38
N THR B 34 31.58 -7.56 12.71
CA THR B 34 31.34 -7.94 14.08
C THR B 34 32.54 -8.73 14.57
N ASP B 35 33.01 -8.39 15.77
CA ASP B 35 34.20 -9.02 16.34
C ASP B 35 34.03 -9.03 17.85
N ASP B 36 35.12 -9.31 18.55
CA ASP B 36 35.05 -9.45 20.01
C ASP B 36 34.60 -8.15 20.70
N ASN B 37 34.82 -7.00 20.07
CA ASN B 37 34.57 -5.70 20.70
C ASN B 37 33.47 -4.89 20.02
N ASN B 38 32.85 -5.43 18.97
CA ASN B 38 31.86 -4.66 18.23
C ASN B 38 30.82 -5.63 17.69
N LEU B 39 29.55 -5.33 17.91
CA LEU B 39 28.45 -6.15 17.41
C LEU B 39 27.54 -5.25 16.59
N PHE B 40 27.48 -5.49 15.29
CA PHE B 40 26.76 -4.59 14.39
C PHE B 40 25.43 -5.18 13.95
N TYR B 41 24.36 -4.41 14.16
CA TYR B 41 23.04 -4.72 13.64
C TYR B 41 22.46 -3.41 13.17
N SER B 42 22.81 -3.03 11.95
CA SER B 42 22.44 -1.73 11.46
C SER B 42 20.95 -1.65 11.20
N ASN B 43 20.43 -0.40 11.09
CA ASN B 43 19.05 -0.13 10.72
C ASN B 43 18.95 -0.21 9.21
N ILE B 44 18.78 -1.44 8.72
CA ILE B 44 18.80 -1.65 7.29
C ILE B 44 17.53 -1.12 6.65
N ASP B 45 16.43 -1.10 7.37
CA ASP B 45 15.22 -0.49 6.82
C ASP B 45 15.51 0.96 6.41
N GLU B 46 16.15 1.75 7.28
CA GLU B 46 16.46 3.14 6.90
C GLU B 46 17.35 3.19 5.67
N VAL B 47 18.31 2.28 5.58
CA VAL B 47 19.15 2.22 4.39
C VAL B 47 18.31 1.97 3.15
N LEU B 48 17.42 0.98 3.23
CA LEU B 48 16.67 0.57 2.04
C LEU B 48 15.68 1.64 1.60
N PHE B 49 15.06 2.33 2.55
CA PHE B 49 14.15 3.42 2.14
C PHE B 49 14.92 4.57 1.52
N TYR B 50 16.10 4.90 2.05
CA TYR B 50 16.91 5.92 1.40
C TYR B 50 17.30 5.50 0.00
N MET B 51 17.85 4.28 -0.13
CA MET B 51 18.32 3.83 -1.44
C MET B 51 17.19 3.78 -2.48
N ASN B 52 16.00 3.36 -2.07
CA ASN B 52 14.90 3.30 -3.01
C ASN B 52 14.44 4.68 -3.43
N TYR B 53 14.46 5.63 -2.49
CA TYR B 53 14.11 6.99 -2.85
C TYR B 53 15.13 7.61 -3.79
N ARG B 54 16.44 7.36 -3.53
CA ARG B 54 17.51 8.01 -4.28
C ARG B 54 17.75 7.32 -5.64
N TYR B 55 17.61 5.98 -5.70
CA TYR B 55 18.09 5.20 -6.81
C TYR B 55 17.03 4.30 -7.43
N ASP B 56 15.80 4.37 -6.97
CA ASP B 56 14.66 3.69 -7.58
C ASP B 56 14.92 2.18 -7.61
N ASP B 57 14.57 1.48 -8.70
CA ASP B 57 14.54 0.01 -8.69
C ASP B 57 15.90 -0.57 -9.06
N PHE B 58 16.87 -0.28 -8.21
CA PHE B 58 18.26 -0.67 -8.45
C PHE B 58 18.44 -2.16 -8.20
N LYS B 59 19.47 -2.70 -8.85
CA LYS B 59 19.98 -4.05 -8.65
C LYS B 59 21.41 -3.94 -8.20
N LEU B 60 21.87 -4.88 -7.37
CA LEU B 60 23.21 -4.78 -6.78
C LEU B 60 24.30 -4.62 -7.82
N LEU B 61 24.18 -5.29 -8.96
CA LEU B 61 25.24 -5.26 -9.96
C LEU B 61 25.05 -4.15 -10.99
N ASP B 62 23.95 -3.41 -10.94
CA ASP B 62 23.78 -2.25 -11.80
C ASP B 62 24.88 -1.24 -11.47
N MET B 63 25.28 -0.48 -12.47
CA MET B 63 26.14 0.68 -12.25
C MET B 63 25.30 1.91 -11.89
N ASP B 64 25.88 2.78 -11.09
CA ASP B 64 25.21 4.04 -10.82
C ASP B 64 25.35 4.97 -12.02
N SER B 65 24.86 6.21 -11.85
CA SER B 65 24.80 7.14 -12.99
C SER B 65 26.19 7.50 -13.50
N THR B 66 27.24 7.41 -12.66
CA THR B 66 28.57 7.70 -13.12
C THR B 66 29.14 6.57 -13.97
N GLY B 67 28.53 5.39 -13.91
CA GLY B 67 29.06 4.26 -14.63
C GLY B 67 30.34 3.67 -14.07
N THR B 68 30.81 4.13 -12.89
CA THR B 68 32.07 3.66 -12.36
C THR B 68 31.91 2.76 -11.13
N LYS B 69 30.74 2.68 -10.53
CA LYS B 69 30.59 1.84 -9.35
C LYS B 69 29.22 1.19 -9.35
N ASN B 70 29.17 -0.04 -8.84
CA ASN B 70 27.89 -0.72 -8.73
C ASN B 70 27.26 -0.48 -7.34
N PHE B 71 26.02 -0.93 -7.16
CA PHE B 71 25.29 -0.69 -5.90
C PHE B 71 25.84 -1.49 -4.74
N GLU B 72 26.54 -2.61 -4.95
CA GLU B 72 27.29 -3.23 -3.86
C GLU B 72 28.33 -2.26 -3.32
N THR B 73 29.07 -1.60 -4.20
CA THR B 73 30.06 -0.63 -3.76
C THR B 73 29.38 0.54 -3.04
N ILE B 74 28.26 1.03 -3.56
CA ILE B 74 27.58 2.14 -2.90
C ILE B 74 27.13 1.72 -1.51
N LEU B 75 26.60 0.52 -1.39
CA LEU B 75 26.16 0.05 -0.06
C LEU B 75 27.36 -0.11 0.88
N SER B 76 28.49 -0.64 0.38
CA SER B 76 29.68 -0.75 1.23
C SER B 76 30.17 0.61 1.70
N GLU B 77 30.19 1.62 0.82
CA GLU B 77 30.60 2.97 1.23
C GLU B 77 29.61 3.53 2.24
N LEU B 78 28.32 3.24 2.08
CA LEU B 78 27.35 3.72 3.06
C LEU B 78 27.55 3.06 4.41
N TRP B 79 27.85 1.75 4.44
CA TRP B 79 28.12 1.09 5.71
C TRP B 79 29.21 1.82 6.46
N THR B 80 30.30 2.16 5.74
CA THR B 80 31.41 2.90 6.38
C THR B 80 30.98 4.27 6.84
N ALA B 81 30.15 4.97 6.05
CA ALA B 81 29.67 6.27 6.50
C ALA B 81 28.81 6.16 7.76
N LEU B 82 27.99 5.10 7.84
CA LEU B 82 27.11 4.94 8.99
C LEU B 82 27.87 4.48 10.22
N ASN B 83 28.93 3.70 10.04
CA ASN B 83 29.54 2.97 11.16
C ASN B 83 30.98 3.33 11.46
N GLY B 84 31.66 3.97 10.53
CA GLY B 84 33.07 4.30 10.70
C GLY B 84 33.98 3.12 10.38
N LYS B 85 35.15 3.13 11.01
CA LYS B 85 36.17 2.11 10.71
C LYS B 85 36.95 1.77 11.96
N LYS B 86 37.50 0.55 11.97
CA LYS B 86 38.40 0.12 13.03
C LYS B 86 39.57 1.09 13.16
N PRO B 87 40.06 1.34 14.37
CA PRO B 87 39.68 0.73 15.65
C PRO B 87 38.65 1.52 16.44
N ASP B 88 38.20 2.66 15.91
CA ASP B 88 37.29 3.56 16.63
C ASP B 88 36.04 3.80 15.78
N TYR B 89 35.15 2.81 15.77
CA TYR B 89 33.88 2.92 15.07
C TYR B 89 33.07 4.05 15.67
N GLN B 90 32.33 4.76 14.83
CA GLN B 90 31.44 5.83 15.27
C GLN B 90 30.09 5.66 14.58
N LEU B 91 29.04 5.41 15.37
CA LEU B 91 27.71 5.14 14.85
C LEU B 91 26.99 6.43 14.50
N LYS B 92 26.47 6.52 13.28
CA LYS B 92 25.62 7.59 12.82
C LYS B 92 24.30 7.01 12.33
N THR B 93 23.32 7.89 12.13
CA THR B 93 22.07 7.51 11.52
C THR B 93 21.98 7.95 10.06
N MET B 94 21.16 7.23 9.32
CA MET B 94 20.91 7.57 7.93
C MET B 94 20.35 8.99 7.82
N GLN B 95 19.44 9.36 8.72
CA GLN B 95 18.86 10.69 8.65
C GLN B 95 19.91 11.77 8.90
N SER B 96 20.87 11.50 9.78
N SER B 96 20.89 11.49 9.77
CA SER B 96 21.93 12.48 10.01
CA SER B 96 21.95 12.45 10.03
C SER B 96 22.81 12.63 8.78
C SER B 96 22.85 12.62 8.81
N LEU B 97 23.15 11.52 8.12
CA LEU B 97 23.96 11.61 6.93
C LEU B 97 23.32 12.46 5.84
N GLU B 98 22.01 12.49 5.80
CA GLU B 98 21.28 13.22 4.76
C GLU B 98 21.38 14.72 4.93
N THR B 99 21.90 15.18 6.09
CA THR B 99 22.06 16.60 6.29
C THR B 99 23.45 17.10 5.99
N ASP B 100 24.40 16.20 5.68
CA ASP B 100 25.76 16.60 5.36
C ASP B 100 25.86 17.05 3.89
N LYS B 101 26.01 18.35 3.69
CA LYS B 101 25.99 18.92 2.34
C LYS B 101 27.21 18.55 1.53
N LYS B 102 28.25 18.09 2.17
CA LYS B 102 29.48 17.66 1.48
C LYS B 102 29.45 16.17 1.14
N SER B 103 28.35 15.48 1.44
CA SER B 103 28.28 14.02 1.26
C SER B 103 27.37 13.64 0.11
N SER B 104 27.62 12.43 -0.43
CA SER B 104 26.78 11.97 -1.51
C SER B 104 25.40 11.56 -1.02
N TYR B 105 25.13 11.59 0.30
CA TYR B 105 23.83 11.24 0.86
C TYR B 105 22.93 12.44 1.11
N PHE B 106 23.40 13.67 0.85
CA PHE B 106 22.57 14.83 1.11
C PHE B 106 21.23 14.72 0.38
N ILE B 107 20.16 15.02 1.11
CA ILE B 107 18.82 15.19 0.54
C ILE B 107 18.29 16.50 1.08
N GLU B 108 17.85 17.40 0.19
CA GLU B 108 17.28 18.66 0.66
C GLU B 108 16.19 18.43 1.69
N GLU B 109 16.13 19.32 2.68
CA GLU B 109 15.29 19.09 3.87
C GLU B 109 13.84 18.72 3.52
N GLU B 110 13.26 19.43 2.55
CA GLU B 110 11.85 19.19 2.22
C GLU B 110 11.65 17.81 1.63
N GLN B 111 12.54 17.39 0.72
CA GLN B 111 12.45 16.08 0.12
C GLN B 111 12.71 14.99 1.14
N ALA B 112 13.61 15.25 2.10
CA ALA B 112 13.86 14.25 3.12
C ALA B 112 12.62 14.04 3.97
N LYS B 113 11.98 15.14 4.39
CA LYS B 113 10.74 15.02 5.14
C LYS B 113 9.68 14.29 4.32
N HIS B 114 9.60 14.59 3.03
CA HIS B 114 8.55 13.99 2.21
C HIS B 114 8.78 12.49 2.03
N TYR B 115 10.01 12.03 1.76
CA TYR B 115 10.22 10.60 1.57
C TYR B 115 10.02 9.85 2.89
N GLN B 116 10.32 10.50 4.01
CA GLN B 116 10.06 9.88 5.31
C GLN B 116 8.55 9.74 5.56
N GLU B 117 7.77 10.75 5.16
CA GLU B 117 6.31 10.65 5.28
C GLU B 117 5.76 9.55 4.39
N ILE B 118 6.31 9.40 3.19
CA ILE B 118 5.85 8.31 2.32
C ILE B 118 6.26 6.96 2.87
N LYS B 119 7.45 6.89 3.49
CA LYS B 119 7.90 5.66 4.16
C LYS B 119 6.91 5.28 5.25
N LYS B 120 6.45 6.25 6.03
CA LYS B 120 5.49 5.98 7.09
C LYS B 120 4.13 5.56 6.53
N GLU B 121 3.68 6.21 5.45
CA GLU B 121 2.35 5.91 4.90
C GLU B 121 2.33 4.56 4.19
N LEU B 122 3.37 4.27 3.43
CA LEU B 122 3.36 3.10 2.55
C LEU B 122 4.23 1.95 3.02
N GLY B 123 5.38 2.24 3.65
CA GLY B 123 6.29 1.19 4.04
C GLY B 123 6.57 0.17 2.94
N TYR B 124 6.55 -1.09 3.34
CA TYR B 124 6.71 -2.20 2.43
C TYR B 124 5.37 -2.75 1.96
N GLN B 125 4.27 -2.04 2.26
CA GLN B 125 2.94 -2.60 2.00
C GLN B 125 2.59 -2.60 0.54
N THR B 126 3.39 -2.07 -0.35
CA THR B 126 3.20 -2.23 -1.77
C THR B 126 3.81 -3.51 -2.35
N LEU B 127 4.50 -4.33 -1.55
CA LEU B 127 4.98 -5.60 -2.04
C LEU B 127 3.82 -6.58 -2.22
N ASP B 128 4.00 -7.54 -3.11
CA ASP B 128 2.96 -8.55 -3.36
C ASP B 128 2.92 -9.60 -2.26
N ASP B 129 1.75 -10.21 -2.07
CA ASP B 129 1.54 -11.38 -1.24
C ASP B 129 1.98 -11.09 0.20
N LEU B 130 1.32 -10.11 0.78
CA LEU B 130 1.54 -9.74 2.16
C LEU B 130 1.01 -10.83 3.08
N LEU B 131 1.52 -10.83 4.32
CA LEU B 131 1.20 -11.78 5.38
C LEU B 131 0.49 -11.05 6.52
N SER B 132 -0.54 -11.69 7.09
N SER B 132 -0.51 -11.70 7.10
CA SER B 132 -1.21 -11.11 8.25
CA SER B 132 -1.22 -11.14 8.24
C SER B 132 -0.60 -11.66 9.53
C SER B 132 -0.62 -11.68 9.54
N PHE B 133 -0.76 -10.89 10.61
CA PHE B 133 -0.23 -11.34 11.89
C PHE B 133 -0.94 -12.64 12.30
N PRO B 134 -0.23 -13.57 12.95
CA PRO B 134 -0.84 -14.84 13.40
C PRO B 134 -1.47 -14.80 14.78
N VAL B 135 -1.29 -13.71 15.51
CA VAL B 135 -1.86 -13.46 16.82
C VAL B 135 -2.27 -12.00 16.87
N LYS B 136 -3.04 -11.64 17.89
CA LYS B 136 -3.46 -10.25 18.05
C LYS B 136 -2.28 -9.43 18.55
N THR B 137 -1.83 -8.49 17.73
CA THR B 137 -0.65 -7.68 18.06
C THR B 137 -0.60 -6.52 17.09
N ASP B 138 0.16 -5.48 17.48
CA ASP B 138 0.46 -4.40 16.54
C ASP B 138 1.83 -4.53 15.87
N ALA B 139 2.69 -5.46 16.33
CA ALA B 139 4.00 -5.63 15.74
C ALA B 139 4.57 -6.96 16.21
N LEU B 140 5.22 -7.67 15.30
CA LEU B 140 5.96 -8.87 15.69
C LEU B 140 7.32 -8.44 16.22
N ILE B 141 7.67 -8.93 17.40
CA ILE B 141 8.98 -8.68 17.98
C ILE B 141 9.93 -9.72 17.40
N VAL B 142 10.90 -9.24 16.61
CA VAL B 142 11.82 -10.10 15.89
C VAL B 142 13.12 -10.11 16.68
N ASN B 143 13.43 -11.22 17.35
CA ASN B 143 14.69 -11.30 18.09
C ASN B 143 15.78 -12.03 17.33
N LYS B 144 15.53 -12.50 16.11
CA LYS B 144 16.58 -12.97 15.19
C LYS B 144 16.17 -12.58 13.79
N ARG B 145 16.85 -11.60 13.22
CA ARG B 145 16.47 -11.06 11.93
C ARG B 145 17.01 -11.94 10.80
N TYR B 146 16.57 -11.62 9.59
CA TYR B 146 16.99 -12.36 8.40
C TYR B 146 18.41 -11.94 8.00
N GLY B 147 19.17 -12.89 7.52
CA GLY B 147 20.47 -12.63 6.91
C GLY B 147 21.66 -13.15 7.68
N TYR B 148 22.80 -12.53 7.42
CA TYR B 148 24.07 -12.98 7.98
C TYR B 148 24.21 -12.51 9.44
N ASP B 149 24.95 -13.29 10.24
CA ASP B 149 25.40 -12.83 11.55
C ASP B 149 26.61 -13.68 11.91
N LYS B 150 27.21 -13.40 13.04
CA LYS B 150 28.30 -14.17 13.60
C LYS B 150 27.76 -15.05 14.73
N SER B 151 28.13 -16.33 14.71
CA SER B 151 27.83 -17.26 15.80
C SER B 151 29.07 -18.12 15.99
N LYS B 152 29.71 -18.02 17.15
CA LYS B 152 30.94 -18.75 17.46
C LYS B 152 32.15 -18.13 16.75
N GLU B 153 32.12 -16.81 16.52
CA GLU B 153 33.04 -16.17 15.59
C GLU B 153 32.95 -16.82 14.21
N LYS B 154 31.78 -17.39 13.89
CA LYS B 154 31.55 -18.00 12.59
C LYS B 154 30.40 -17.29 11.87
N LEU B 155 30.63 -17.00 10.61
CA LEU B 155 29.62 -16.39 9.74
C LEU B 155 28.58 -17.42 9.36
N THR B 156 27.32 -17.02 9.43
CA THR B 156 26.17 -17.89 9.21
C THR B 156 25.08 -17.07 8.53
N LEU B 157 24.31 -17.70 7.66
CA LEU B 157 23.21 -17.07 6.93
C LEU B 157 21.89 -17.63 7.47
N TYR B 158 21.03 -16.77 7.99
CA TYR B 158 19.74 -17.20 8.53
C TYR B 158 18.65 -16.80 7.55
N GLN B 159 18.00 -17.80 6.96
CA GLN B 159 17.03 -17.58 5.88
C GLN B 159 15.61 -17.51 6.38
N GLY B 160 15.40 -16.77 7.47
CA GLY B 160 14.09 -16.62 8.08
C GLY B 160 14.16 -15.56 9.16
N ILE B 161 13.09 -15.46 9.96
CA ILE B 161 13.09 -14.62 11.13
C ILE B 161 12.56 -15.40 12.30
N ASP B 162 12.99 -15.04 13.51
CA ASP B 162 12.45 -15.61 14.75
C ASP B 162 11.64 -14.52 15.44
N VAL B 163 10.42 -14.84 15.85
CA VAL B 163 9.51 -13.87 16.44
C VAL B 163 9.10 -14.34 17.81
N LEU B 164 8.97 -13.39 18.74
CA LEU B 164 8.62 -13.68 20.12
C LEU B 164 7.10 -13.71 20.25
N ILE B 165 6.57 -14.89 20.61
CA ILE B 165 5.14 -15.10 20.85
C ILE B 165 5.03 -15.91 22.15
N GLU B 166 4.05 -15.59 22.97
CA GLU B 166 3.94 -16.31 24.24
C GLU B 166 3.70 -17.80 23.95
N ASP B 167 4.31 -18.67 24.76
CA ASP B 167 4.16 -20.11 24.56
C ASP B 167 2.72 -20.55 24.86
N ASN B 168 2.30 -21.63 24.20
CA ASN B 168 0.99 -22.25 24.38
C ASN B 168 -0.16 -21.35 23.96
N GLN B 169 0.05 -20.46 23.01
CA GLN B 169 -0.98 -19.51 22.63
C GLN B 169 -1.51 -19.81 21.23
N PRO B 170 -2.80 -19.56 20.98
CA PRO B 170 -3.38 -19.89 19.67
C PRO B 170 -2.73 -19.11 18.54
N PHE B 171 -2.47 -19.81 17.46
CA PHE B 171 -1.74 -19.27 16.32
C PHE B 171 -2.54 -19.49 15.05
N HIS B 172 -2.80 -18.40 14.32
CA HIS B 172 -3.66 -18.37 13.14
C HIS B 172 -2.82 -18.15 11.90
N SER B 173 -3.33 -18.64 10.78
CA SER B 173 -2.53 -18.63 9.56
C SER B 173 -2.31 -17.21 9.04
N PRO B 174 -1.05 -16.82 8.74
CA PRO B 174 -0.80 -15.57 8.05
C PRO B 174 -1.20 -15.56 6.57
N MET B 175 -1.56 -16.72 5.99
CA MET B 175 -1.71 -16.73 4.54
C MET B 175 -2.74 -17.74 4.11
N ASN B 176 -3.37 -17.46 2.98
CA ASN B 176 -4.24 -18.43 2.34
C ASN B 176 -3.42 -19.36 1.44
N GLY B 177 -3.71 -20.65 1.50
CA GLY B 177 -3.00 -21.60 0.67
C GLY B 177 -3.31 -23.03 1.08
N GLN B 178 -2.51 -23.96 0.60
CA GLN B 178 -2.66 -25.35 0.96
C GLN B 178 -1.49 -25.79 1.82
N ILE B 179 -1.77 -26.62 2.83
CA ILE B 179 -0.68 -27.22 3.61
C ILE B 179 -0.07 -28.28 2.70
N VAL B 180 1.16 -28.04 2.26
CA VAL B 180 1.82 -29.00 1.35
C VAL B 180 2.82 -29.90 2.06
N SER B 181 3.19 -29.60 3.30
CA SER B 181 4.09 -30.47 4.03
C SER B 181 3.82 -30.29 5.51
N VAL B 182 3.85 -31.39 6.24
CA VAL B 182 3.82 -31.40 7.71
C VAL B 182 5.03 -32.22 8.14
N PRO B 183 6.24 -31.65 8.06
CA PRO B 183 7.46 -32.45 8.31
C PRO B 183 7.50 -33.12 9.67
N ASP B 184 7.28 -32.36 10.75
CA ASP B 184 7.25 -32.91 12.10
C ASP B 184 6.11 -32.25 12.86
N THR B 185 5.99 -32.57 14.15
CA THR B 185 4.86 -32.10 14.93
C THR B 185 5.00 -30.63 15.33
N GLU B 186 6.05 -29.96 14.88
CA GLU B 186 6.22 -28.52 15.14
C GLU B 186 6.47 -27.71 13.86
N THR B 187 6.32 -28.29 12.67
CA THR B 187 6.63 -27.58 11.42
C THR B 187 5.53 -27.79 10.38
N LEU B 188 5.21 -26.72 9.64
CA LEU B 188 4.27 -26.83 8.53
C LEU B 188 4.72 -25.91 7.40
N VAL B 189 4.34 -26.25 6.18
CA VAL B 189 4.57 -25.43 4.99
C VAL B 189 3.25 -25.20 4.30
N ILE B 190 2.93 -23.92 4.06
CA ILE B 190 1.73 -23.48 3.36
C ILE B 190 2.15 -22.92 2.01
N GLU B 191 1.55 -23.41 0.92
CA GLU B 191 1.90 -22.90 -0.40
C GLU B 191 0.66 -22.30 -1.07
N LYS B 192 0.80 -21.10 -1.58
CA LYS B 192 -0.09 -20.51 -2.59
C LYS B 192 0.55 -20.84 -3.92
N GLU B 193 -0.12 -21.67 -4.72
CA GLU B 193 0.53 -22.45 -5.76
C GLU B 193 1.27 -21.55 -6.76
N LYS B 194 2.57 -21.81 -6.92
CA LYS B 194 3.44 -21.04 -7.82
C LYS B 194 3.41 -19.54 -7.54
N VAL B 195 3.16 -19.16 -6.28
CA VAL B 195 3.19 -17.77 -5.89
C VAL B 195 4.09 -17.57 -4.67
N ALA B 196 3.74 -18.22 -3.56
CA ALA B 196 4.43 -17.98 -2.31
C ALA B 196 4.35 -19.22 -1.44
N ARG B 197 5.37 -19.41 -0.61
CA ARG B 197 5.46 -20.61 0.26
C ARG B 197 5.98 -20.17 1.62
N LEU B 198 5.19 -20.46 2.68
CA LEU B 198 5.47 -20.02 4.03
C LEU B 198 5.76 -21.23 4.91
N THR B 199 6.95 -21.28 5.50
CA THR B 199 7.33 -22.30 6.46
C THR B 199 7.21 -21.73 7.86
N ILE B 200 6.55 -22.49 8.74
CA ILE B 200 6.29 -22.07 10.12
C ILE B 200 6.85 -23.16 11.01
N ARG B 201 7.80 -22.79 11.88
CA ARG B 201 8.38 -23.70 12.84
C ARG B 201 8.07 -23.23 14.26
N GLY B 202 7.49 -24.12 15.07
CA GLY B 202 7.17 -23.80 16.45
C GLY B 202 5.72 -23.82 16.80
N VAL B 203 4.86 -24.26 15.88
CA VAL B 203 3.43 -24.40 16.10
C VAL B 203 3.10 -25.88 16.05
N ASN B 204 2.35 -26.36 17.04
CA ASN B 204 2.04 -27.78 17.07
C ASN B 204 1.06 -28.10 15.94
N THR B 205 1.33 -29.16 15.19
CA THR B 205 0.62 -29.42 13.93
C THR B 205 -0.22 -30.70 13.97
N LEU B 206 -0.65 -31.13 15.15
CA LEU B 206 -1.29 -32.45 15.25
C LEU B 206 -2.70 -32.44 14.65
N ARG B 207 -3.38 -31.30 14.65
CA ARG B 207 -4.69 -31.19 14.01
C ARG B 207 -4.60 -30.96 12.50
N LEU B 208 -3.40 -30.99 11.93
CA LEU B 208 -3.16 -30.57 10.56
C LEU B 208 -2.63 -31.72 9.72
N THR B 209 -3.12 -31.82 8.49
CA THR B 209 -2.72 -32.87 7.57
C THR B 209 -2.34 -32.23 6.24
N LYS B 210 -1.39 -32.87 5.55
CA LYS B 210 -1.04 -32.47 4.19
C LYS B 210 -2.29 -32.50 3.31
N GLY B 211 -2.49 -31.44 2.53
CA GLY B 211 -3.64 -31.32 1.67
C GLY B 211 -4.73 -30.42 2.18
N MET B 212 -4.68 -30.05 3.45
CA MET B 212 -5.69 -29.16 4.00
C MET B 212 -5.54 -27.77 3.40
N ASP B 213 -6.67 -27.14 3.10
CA ASP B 213 -6.71 -25.75 2.70
C ASP B 213 -6.83 -24.90 3.96
N VAL B 214 -6.11 -23.77 3.96
CA VAL B 214 -6.23 -22.78 5.01
C VAL B 214 -6.42 -21.41 4.37
N GLU B 215 -7.06 -20.54 5.12
CA GLU B 215 -7.23 -19.15 4.75
C GLU B 215 -6.44 -18.30 5.75
N GLU B 216 -6.26 -17.03 5.41
CA GLU B 216 -5.72 -16.10 6.39
C GLU B 216 -6.65 -16.11 7.59
N GLY B 217 -6.08 -16.28 8.79
CA GLY B 217 -6.87 -16.36 9.98
C GLY B 217 -7.29 -17.76 10.44
N THR B 218 -7.12 -18.82 9.62
CA THR B 218 -7.47 -20.16 10.07
C THR B 218 -6.62 -20.54 11.29
N PHE B 219 -7.26 -21.09 12.32
CA PHE B 219 -6.51 -21.60 13.45
C PHE B 219 -5.66 -22.79 13.01
N LEU B 220 -4.35 -22.71 13.27
CA LEU B 220 -3.46 -23.82 12.95
C LEU B 220 -3.13 -24.67 14.16
N GLY B 221 -2.83 -24.05 15.28
CA GLY B 221 -2.42 -24.79 16.46
C GLY B 221 -1.90 -23.81 17.49
N ASN B 222 -1.53 -24.36 18.64
CA ASN B 222 -0.92 -23.52 19.67
C ASN B 222 0.60 -23.56 19.54
N THR B 223 1.23 -22.44 19.92
CA THR B 223 2.68 -22.36 19.91
C THR B 223 3.28 -23.29 20.95
N LYS B 224 4.41 -23.89 20.62
CA LYS B 224 5.11 -24.79 21.52
C LYS B 224 6.05 -24.05 22.47
N ASN B 225 6.91 -23.22 21.91
CA ASN B 225 7.98 -22.56 22.63
C ASN B 225 7.71 -21.05 22.69
N SER B 226 8.73 -20.28 23.09
CA SER B 226 8.58 -18.84 23.24
C SER B 226 8.88 -18.07 21.96
N THR B 227 9.34 -18.76 20.92
CA THR B 227 9.47 -18.11 19.62
C THR B 227 8.94 -19.02 18.53
N VAL B 228 8.60 -18.41 17.41
CA VAL B 228 8.21 -19.09 16.18
C VAL B 228 9.16 -18.60 15.09
N THR B 229 9.58 -19.49 14.21
CA THR B 229 10.40 -19.14 13.05
C THR B 229 9.55 -19.14 11.78
N PHE B 230 9.70 -18.09 10.98
CA PHE B 230 9.09 -18.00 9.66
C PHE B 230 10.18 -18.04 8.58
N GLN B 231 9.94 -18.80 7.55
CA GLN B 231 10.65 -18.64 6.27
C GLN B 231 9.62 -18.37 5.18
N TYR B 232 9.98 -17.56 4.17
CA TYR B 232 9.04 -17.17 3.14
C TYR B 232 9.79 -17.18 1.82
N GLU B 233 9.16 -17.78 0.81
CA GLU B 233 9.74 -17.94 -0.50
C GLU B 233 8.76 -17.46 -1.54
N LYS B 234 9.30 -16.87 -2.61
CA LYS B 234 8.49 -16.54 -3.77
C LYS B 234 8.93 -17.35 -4.99
N TYR B 235 8.04 -17.39 -5.96
CA TYR B 235 8.22 -18.26 -7.14
C TYR B 235 8.78 -17.46 -8.32
N LYS B 236 9.72 -18.09 -9.03
CA LYS B 236 10.34 -17.50 -10.22
C LYS B 236 9.94 -18.37 -11.41
N LYS B 237 8.90 -17.95 -12.14
CA LYS B 237 8.38 -18.76 -13.24
C LYS B 237 9.43 -19.00 -14.32
N GLU B 238 10.36 -18.05 -14.50
CA GLU B 238 11.34 -18.15 -15.58
C GLU B 238 12.25 -19.37 -15.40
N THR B 239 12.56 -19.73 -14.16
CA THR B 239 13.37 -20.89 -13.86
C THR B 239 12.59 -21.99 -13.16
N LYS B 240 11.30 -21.78 -12.90
CA LYS B 240 10.48 -22.75 -12.18
C LYS B 240 11.14 -23.17 -10.87
N ASP B 241 11.59 -22.18 -10.09
CA ASP B 241 12.16 -22.46 -8.77
C ASP B 241 11.71 -21.38 -7.80
N TRP B 242 12.13 -21.53 -6.55
CA TRP B 242 11.74 -20.61 -5.48
C TRP B 242 12.98 -19.89 -4.98
N PHE B 243 12.76 -18.71 -4.38
CA PHE B 243 13.84 -17.98 -3.73
C PHE B 243 13.33 -17.43 -2.41
N PHE B 244 14.22 -17.38 -1.42
CA PHE B 244 13.88 -16.83 -0.11
C PHE B 244 13.75 -15.32 -0.16
N VAL B 245 12.80 -14.80 0.63
CA VAL B 245 12.67 -13.37 0.84
C VAL B 245 12.67 -13.16 2.35
N ASN B 246 12.99 -11.95 2.76
CA ASN B 246 12.95 -11.60 4.19
C ASN B 246 11.49 -11.53 4.64
N PRO B 247 11.03 -12.43 5.51
CA PRO B 247 9.60 -12.41 5.87
C PRO B 247 9.18 -11.14 6.53
N ALA B 248 10.12 -10.43 7.20
CA ALA B 248 9.70 -9.26 7.97
C ALA B 248 9.07 -8.18 7.12
N PHE B 249 9.45 -8.06 5.84
CA PHE B 249 8.90 -7.03 4.97
C PHE B 249 7.42 -7.25 4.73
N TYR B 250 6.93 -8.45 4.90
CA TYR B 250 5.60 -8.80 4.46
C TYR B 250 4.52 -8.72 5.54
N PHE B 251 4.88 -8.56 6.77
CA PHE B 251 3.94 -8.38 7.85
C PHE B 251 3.69 -6.90 8.02
N PRO B 252 2.63 -6.54 8.77
CA PRO B 252 2.31 -5.10 8.86
C PRO B 252 3.37 -4.27 9.54
N ARG B 253 3.98 -4.81 10.60
CA ARG B 253 5.00 -4.08 11.35
C ARG B 253 5.81 -5.09 12.14
N VAL B 254 7.13 -4.85 12.23
CA VAL B 254 7.98 -5.62 13.12
C VAL B 254 8.79 -4.69 13.99
N THR B 255 9.26 -5.24 15.10
CA THR B 255 10.17 -4.54 16.00
C THR B 255 11.43 -5.38 16.12
N TYR B 256 12.58 -4.82 15.75
CA TYR B 256 13.84 -5.52 15.81
C TYR B 256 14.50 -5.30 17.16
N THR B 257 14.82 -6.40 17.84
CA THR B 257 15.48 -6.29 19.13
C THR B 257 17.00 -6.21 19.02
N GLN B 258 17.57 -6.60 17.86
CA GLN B 258 19.02 -6.60 17.64
C GLN B 258 19.40 -5.25 17.03
N THR B 259 20.19 -4.45 17.75
CA THR B 259 20.63 -3.15 17.29
C THR B 259 22.08 -2.98 17.67
N THR B 260 22.77 -2.09 16.96
CA THR B 260 24.16 -1.80 17.34
C THR B 260 24.27 -1.06 18.68
#